data_9ECQ
#
_entry.id   9ECQ
#
_entity_poly.entity_id   1
_entity_poly.type   'polyribonucleotide'
_entity_poly.pdbx_seq_one_letter_code
;CUGGACUUCUAAUCCAG
;
_entity_poly.pdbx_strand_id   A
#
loop_
_chem_comp.id
_chem_comp.type
_chem_comp.name
_chem_comp.formula
A RNA linking ADENOSINE-5'-MONOPHOSPHATE 'C10 H14 N5 O7 P'
C RNA linking CYTIDINE-5'-MONOPHOSPHATE 'C9 H14 N3 O8 P'
G RNA linking GUANOSINE-5'-MONOPHOSPHATE 'C10 H14 N5 O8 P'
U RNA linking URIDINE-5'-MONOPHOSPHATE 'C9 H13 N2 O9 P'
#